data_1N5I
#
_entry.id   1N5I
#
_cell.length_a   75.510
_cell.length_b   75.510
_cell.length_c   136.020
_cell.angle_alpha   90.00
_cell.angle_beta   90.00
_cell.angle_gamma   120.00
#
_symmetry.space_group_name_H-M   'P 65 2 2'
#
loop_
_entity.id
_entity.type
_entity.pdbx_description
1 polymer 'THYMIDYLATE KINASE'
2 non-polymer 'SULFATE ION'
3 non-polymer 'CITRATE ANION'
4 non-polymer "THYMIDINE-5'-PHOSPHATE"
5 non-polymer "ADENOSINE-5'-TRIPHOSPHATE"
6 water water
#
_entity_poly.entity_id   1
_entity_poly.type   'polypeptide(L)'
_entity_poly.pdbx_seq_one_letter_code
;MLIAIEGVDGAGKRTLVEKLSGAFRAAGRSVATLAFPRYGQSVAADIAAEALHGEHGDLASSVYAMATLFALDRAGAVHT
IQGLCRGYDVVILDRYVASNAAYSAARLHENAAGKAAAWVQRIEFARLGLPKPDWQVLLAVSAELAGERSRGRAQRDPGR
ARDNYERDAELQQRTGAVYAELAAQGWGGRWLVVGADVDPGRLAATLAPPDVPS
;
_entity_poly.pdbx_strand_id   A
#
loop_
_chem_comp.id
_chem_comp.type
_chem_comp.name
_chem_comp.formula
ATP non-polymer ADENOSINE-5'-TRIPHOSPHATE 'C10 H16 N5 O13 P3'
FLC non-polymer 'CITRATE ANION' 'C6 H5 O7 -3'
SO4 non-polymer 'SULFATE ION' 'O4 S -2'
TMP non-polymer THYMIDINE-5'-PHOSPHATE 'C10 H15 N2 O8 P'
#
# COMPACT_ATOMS: atom_id res chain seq x y z
N MET A 1 12.05 10.24 9.06
CA MET A 1 11.78 8.79 8.88
C MET A 1 10.54 8.56 8.02
N LEU A 2 10.64 7.60 7.10
CA LEU A 2 9.53 7.27 6.20
C LEU A 2 9.00 5.88 6.53
N ILE A 3 7.72 5.83 6.87
CA ILE A 3 7.06 4.58 7.23
C ILE A 3 5.90 4.31 6.28
N ALA A 4 5.83 3.08 5.76
CA ALA A 4 4.74 2.74 4.86
C ALA A 4 3.87 1.67 5.50
N ILE A 5 2.56 1.88 5.50
CA ILE A 5 1.63 0.90 6.05
C ILE A 5 1.12 0.10 4.86
N GLU A 6 1.33 -1.21 4.90
CA GLU A 6 0.94 -2.10 3.82
C GLU A 6 -0.08 -3.13 4.29
N GLY A 7 -0.75 -3.74 3.33
CA GLY A 7 -1.74 -4.76 3.65
C GLY A 7 -2.79 -4.83 2.56
N VAL A 8 -3.57 -5.91 2.56
CA VAL A 8 -4.60 -6.07 1.55
C VAL A 8 -5.73 -5.10 1.83
N ASP A 9 -6.60 -4.90 0.84
CA ASP A 9 -7.72 -4.01 1.03
C ASP A 9 -8.62 -4.56 2.12
N GLY A 10 -9.07 -3.69 3.03
CA GLY A 10 -9.92 -4.12 4.11
C GLY A 10 -9.14 -4.58 5.33
N ALA A 11 -7.82 -4.42 5.29
CA ALA A 11 -6.97 -4.85 6.40
C ALA A 11 -7.06 -3.94 7.62
N GLY A 12 -7.44 -2.67 7.40
CA GLY A 12 -7.55 -1.71 8.49
C GLY A 12 -6.40 -0.71 8.49
N LYS A 13 -5.80 -0.51 7.32
CA LYS A 13 -4.67 0.40 7.20
C LYS A 13 -4.93 1.86 7.58
N ARG A 14 -6.03 2.44 7.08
CA ARG A 14 -6.31 3.83 7.41
C ARG A 14 -6.46 4.04 8.92
N THR A 15 -7.08 3.08 9.58
CA THR A 15 -7.26 3.18 11.02
C THR A 15 -5.92 3.14 11.73
N LEU A 16 -5.02 2.27 11.28
CA LEU A 16 -3.71 2.16 11.89
C LEU A 16 -2.92 3.45 11.71
N VAL A 17 -3.04 4.07 10.54
CA VAL A 17 -2.35 5.32 10.28
C VAL A 17 -2.81 6.38 11.28
N GLU A 18 -4.12 6.44 11.49
CA GLU A 18 -4.68 7.41 12.42
C GLU A 18 -4.18 7.18 13.84
N LYS A 19 -4.25 5.93 14.31
CA LYS A 19 -3.81 5.61 15.66
C LYS A 19 -2.31 5.84 15.82
N LEU A 20 -1.55 5.46 14.81
CA LEU A 20 -0.11 5.63 14.86
C LEU A 20 0.25 7.11 14.89
N SER A 21 -0.44 7.92 14.09
CA SER A 21 -0.18 9.35 14.05
C SER A 21 -0.36 9.95 15.44
N GLY A 22 -1.43 9.54 16.11
CA GLY A 22 -1.69 10.04 17.45
C GLY A 22 -0.59 9.64 18.42
N ALA A 23 -0.13 8.39 18.31
CA ALA A 23 0.93 7.88 19.17
C ALA A 23 2.21 8.68 18.98
N PHE A 24 2.59 8.93 17.73
CA PHE A 24 3.79 9.70 17.44
C PHE A 24 3.67 11.12 18.00
N ARG A 25 2.54 11.77 17.74
CA ARG A 25 2.33 13.13 18.23
C ARG A 25 2.33 13.18 19.75
N ALA A 26 1.89 12.10 20.38
CA ALA A 26 1.87 12.02 21.84
C ALA A 26 3.31 11.99 22.34
N ALA A 27 4.20 11.41 21.53
CA ALA A 27 5.61 11.30 21.86
C ALA A 27 6.38 12.56 21.48
N GLY A 28 5.65 13.58 21.03
CA GLY A 28 6.27 14.84 20.66
C GLY A 28 6.87 14.92 19.27
N ARG A 29 6.45 14.03 18.36
CA ARG A 29 6.99 14.06 17.01
C ARG A 29 5.98 14.69 16.05
N SER A 30 6.47 15.44 15.07
CA SER A 30 5.60 16.04 14.08
C SER A 30 5.31 14.94 13.08
N VAL A 31 4.06 14.84 12.65
CA VAL A 31 3.65 13.80 11.72
C VAL A 31 2.90 14.28 10.49
N ALA A 32 3.23 13.71 9.34
CA ALA A 32 2.57 14.02 8.08
C ALA A 32 2.14 12.67 7.51
N THR A 33 1.01 12.65 6.80
CA THR A 33 0.52 11.41 6.21
C THR A 33 0.15 11.62 4.75
N LEU A 34 0.44 10.62 3.92
CA LEU A 34 0.16 10.68 2.49
C LEU A 34 -0.37 9.32 2.06
N ALA A 35 -1.44 9.31 1.27
CA ALA A 35 -2.03 8.05 0.82
C ALA A 35 -1.95 7.82 -0.68
N PHE A 36 -1.65 6.58 -1.05
CA PHE A 36 -1.58 6.20 -2.45
C PHE A 36 -2.69 5.15 -2.66
N PRO A 37 -3.36 5.19 -3.82
CA PRO A 37 -3.16 6.13 -4.93
C PRO A 37 -3.62 7.54 -4.55
N ARG A 38 -3.01 8.54 -5.20
CA ARG A 38 -3.37 9.93 -4.95
C ARG A 38 -4.56 10.34 -5.83
N TYR A 39 -5.72 9.75 -5.57
CA TYR A 39 -6.91 10.05 -6.35
C TYR A 39 -7.20 11.54 -6.43
N GLY A 40 -7.65 11.97 -7.60
CA GLY A 40 -7.98 13.38 -7.83
C GLY A 40 -6.77 14.20 -8.21
N GLN A 41 -5.67 13.97 -7.50
CA GLN A 41 -4.44 14.70 -7.74
C GLN A 41 -3.65 14.12 -8.91
N SER A 42 -3.73 12.81 -9.09
CA SER A 42 -3.01 12.12 -10.15
C SER A 42 -3.94 11.47 -11.17
N VAL A 43 -3.80 11.86 -12.43
CA VAL A 43 -4.61 11.31 -13.51
C VAL A 43 -4.36 9.80 -13.61
N ALA A 44 -3.09 9.41 -13.48
CA ALA A 44 -2.72 8.00 -13.55
C ALA A 44 -3.51 7.21 -12.51
N ALA A 45 -3.55 7.73 -11.29
CA ALA A 45 -4.27 7.08 -10.19
C ALA A 45 -5.75 6.94 -10.50
N ASP A 46 -6.35 8.01 -11.02
CA ASP A 46 -7.78 7.98 -11.34
C ASP A 46 -8.09 6.99 -12.46
N ILE A 47 -7.28 7.03 -13.51
CA ILE A 47 -7.49 6.13 -14.64
C ILE A 47 -7.37 4.67 -14.15
N ALA A 48 -6.41 4.42 -13.27
CA ALA A 48 -6.22 3.07 -12.75
C ALA A 48 -7.46 2.61 -12.00
N ALA A 49 -7.97 3.46 -11.12
CA ALA A 49 -9.15 3.12 -10.33
C ALA A 49 -10.35 2.88 -11.25
N GLU A 50 -10.51 3.75 -12.24
CA GLU A 50 -11.62 3.64 -13.19
C GLU A 50 -11.51 2.33 -13.95
N ALA A 51 -10.28 1.96 -14.33
CA ALA A 51 -10.05 0.72 -15.04
C ALA A 51 -10.48 -0.46 -14.18
N LEU A 52 -10.27 -0.36 -12.87
CA LEU A 52 -10.63 -1.44 -11.96
C LEU A 52 -12.14 -1.46 -11.69
N HIS A 53 -12.86 -0.51 -12.28
CA HIS A 53 -14.31 -0.47 -12.11
C HIS A 53 -15.03 -0.61 -13.45
N GLY A 54 -14.36 -1.24 -14.41
CA GLY A 54 -14.96 -1.49 -15.72
C GLY A 54 -14.75 -0.52 -16.85
N GLU A 55 -13.97 0.53 -16.65
CA GLU A 55 -13.73 1.51 -17.70
C GLU A 55 -12.41 1.29 -18.45
N HIS A 56 -12.20 2.11 -19.48
CA HIS A 56 -10.98 2.07 -20.28
C HIS A 56 -10.61 0.75 -20.96
N GLY A 57 -11.59 0.15 -21.62
CA GLY A 57 -11.36 -1.08 -22.35
C GLY A 57 -10.58 -2.20 -21.71
N ASP A 58 -9.50 -2.62 -22.36
CA ASP A 58 -8.68 -3.72 -21.87
C ASP A 58 -7.51 -3.34 -20.97
N LEU A 59 -7.54 -2.13 -20.43
CA LEU A 59 -6.46 -1.66 -19.58
C LEU A 59 -6.19 -2.54 -18.36
N ALA A 60 -7.22 -2.81 -17.56
CA ALA A 60 -7.05 -3.61 -16.35
C ALA A 60 -6.62 -5.06 -16.60
N SER A 61 -6.78 -5.53 -17.84
CA SER A 61 -6.40 -6.91 -18.15
C SER A 61 -4.89 -7.09 -18.16
N SER A 62 -4.16 -5.98 -18.22
CA SER A 62 -2.70 -6.05 -18.21
C SER A 62 -2.18 -5.81 -16.81
N VAL A 63 -1.46 -6.78 -16.26
CA VAL A 63 -0.90 -6.67 -14.92
C VAL A 63 0.14 -5.55 -14.86
N TYR A 64 1.03 -5.51 -15.85
CA TYR A 64 2.08 -4.49 -15.88
C TYR A 64 1.56 -3.09 -16.18
N ALA A 65 0.47 -3.01 -16.95
CA ALA A 65 -0.11 -1.71 -17.26
C ALA A 65 -0.64 -1.09 -15.97
N MET A 66 -1.35 -1.88 -15.17
CA MET A 66 -1.89 -1.37 -13.91
C MET A 66 -0.76 -0.97 -12.96
N ALA A 67 0.26 -1.82 -12.86
CA ALA A 67 1.40 -1.53 -11.99
C ALA A 67 2.08 -0.23 -12.44
N THR A 68 2.17 -0.03 -13.76
CA THR A 68 2.80 1.17 -14.29
C THR A 68 2.04 2.44 -13.89
N LEU A 69 0.71 2.39 -13.94
CA LEU A 69 -0.09 3.55 -13.57
C LEU A 69 0.12 3.91 -12.10
N PHE A 70 0.15 2.92 -11.23
CA PHE A 70 0.37 3.19 -9.81
C PHE A 70 1.78 3.72 -9.57
N ALA A 71 2.73 3.25 -10.38
CA ALA A 71 4.12 3.69 -10.26
C ALA A 71 4.25 5.13 -10.76
N LEU A 72 3.53 5.47 -11.82
CA LEU A 72 3.58 6.82 -12.38
C LEU A 72 2.96 7.82 -11.42
N ASP A 73 1.97 7.36 -10.67
CA ASP A 73 1.33 8.22 -9.67
C ASP A 73 2.39 8.53 -8.61
N ARG A 74 3.05 7.50 -8.10
CA ARG A 74 4.09 7.71 -7.09
C ARG A 74 5.26 8.54 -7.62
N ALA A 75 5.62 8.35 -8.88
CA ALA A 75 6.71 9.12 -9.47
C ALA A 75 6.39 10.60 -9.42
N GLY A 76 5.11 10.94 -9.57
CA GLY A 76 4.70 12.32 -9.53
C GLY A 76 4.64 12.89 -8.13
N ALA A 77 4.85 12.03 -7.13
CA ALA A 77 4.80 12.45 -5.74
C ALA A 77 6.18 12.48 -5.09
N VAL A 78 7.23 12.23 -5.88
CA VAL A 78 8.57 12.24 -5.32
C VAL A 78 8.87 13.55 -4.61
N HIS A 79 8.59 14.67 -5.27
CA HIS A 79 8.83 15.98 -4.68
C HIS A 79 8.08 16.13 -3.36
N THR A 80 6.83 15.69 -3.35
CA THR A 80 6.00 15.76 -2.15
C THR A 80 6.63 14.97 -1.01
N ILE A 81 7.01 13.73 -1.29
CA ILE A 81 7.60 12.88 -0.26
C ILE A 81 8.89 13.48 0.30
N GLN A 82 9.78 13.94 -0.56
CA GLN A 82 11.03 14.53 -0.10
C GLN A 82 10.74 15.75 0.77
N GLY A 83 9.75 16.54 0.36
CA GLY A 83 9.39 17.72 1.11
C GLY A 83 8.83 17.40 2.49
N LEU A 84 7.99 16.37 2.55
CA LEU A 84 7.41 15.96 3.83
C LEU A 84 8.47 15.44 4.79
N CYS A 85 9.42 14.68 4.26
CA CYS A 85 10.49 14.13 5.09
C CYS A 85 11.39 15.23 5.63
N ARG A 86 11.50 16.33 4.90
CA ARG A 86 12.31 17.46 5.33
C ARG A 86 11.55 18.30 6.36
N GLY A 87 10.23 18.31 6.26
CA GLY A 87 9.42 19.11 7.17
C GLY A 87 8.88 18.46 8.43
N TYR A 88 8.77 17.13 8.47
CA TYR A 88 8.23 16.45 9.64
C TYR A 88 9.17 15.37 10.17
N ASP A 89 9.00 15.02 11.45
CA ASP A 89 9.83 13.99 12.06
C ASP A 89 9.47 12.63 11.51
N VAL A 90 8.17 12.42 11.29
CA VAL A 90 7.69 11.15 10.78
C VAL A 90 6.70 11.35 9.63
N VAL A 91 6.89 10.59 8.56
CA VAL A 91 6.00 10.66 7.41
C VAL A 91 5.41 9.26 7.26
N ILE A 92 4.09 9.16 7.31
CA ILE A 92 3.42 7.86 7.19
C ILE A 92 2.63 7.74 5.89
N LEU A 93 2.91 6.69 5.12
CA LEU A 93 2.24 6.48 3.86
C LEU A 93 1.22 5.34 3.98
N ASP A 94 0.01 5.58 3.48
CA ASP A 94 -1.03 4.55 3.48
C ASP A 94 -0.87 3.91 2.10
N ARG A 95 -0.10 2.82 2.05
CA ARG A 95 0.23 2.10 0.83
C ARG A 95 1.43 2.75 0.17
N TYR A 96 2.33 1.94 -0.37
CA TYR A 96 3.51 2.47 -1.05
C TYR A 96 3.94 1.46 -2.12
N VAL A 97 5.22 1.49 -2.47
CA VAL A 97 5.75 0.61 -3.51
C VAL A 97 5.46 -0.89 -3.34
N ALA A 98 5.51 -1.38 -2.11
CA ALA A 98 5.27 -2.79 -1.86
C ALA A 98 3.86 -3.24 -2.30
N SER A 99 2.90 -2.32 -2.28
CA SER A 99 1.54 -2.65 -2.72
C SER A 99 1.59 -3.18 -4.15
N ASN A 100 2.39 -2.52 -4.99
CA ASN A 100 2.52 -2.91 -6.39
C ASN A 100 3.15 -4.29 -6.50
N ALA A 101 4.18 -4.56 -5.69
CA ALA A 101 4.84 -5.85 -5.73
C ALA A 101 3.89 -6.97 -5.32
N ALA A 102 3.17 -6.76 -4.22
CA ALA A 102 2.24 -7.76 -3.71
C ALA A 102 1.11 -8.08 -4.67
N TYR A 103 0.40 -7.07 -5.16
CA TYR A 103 -0.70 -7.30 -6.08
C TYR A 103 -0.25 -7.81 -7.44
N SER A 104 0.86 -7.27 -7.94
CA SER A 104 1.36 -7.71 -9.25
C SER A 104 1.79 -9.16 -9.23
N ALA A 105 2.56 -9.56 -8.21
CA ALA A 105 3.00 -10.94 -8.11
C ALA A 105 1.81 -11.87 -7.96
N ALA A 106 0.86 -11.46 -7.12
CA ALA A 106 -0.35 -12.25 -6.88
C ALA A 106 -1.18 -12.47 -8.16
N ARG A 107 -1.35 -11.41 -8.95
CA ARG A 107 -2.13 -11.55 -10.18
C ARG A 107 -1.47 -12.54 -11.13
N LEU A 108 -0.14 -12.63 -11.06
CA LEU A 108 0.62 -13.53 -11.93
C LEU A 108 0.95 -14.87 -11.29
N HIS A 109 0.39 -15.11 -10.10
CA HIS A 109 0.64 -16.34 -9.37
C HIS A 109 2.13 -16.57 -9.14
N GLU A 110 2.85 -15.48 -8.85
CA GLU A 110 4.29 -15.53 -8.56
C GLU A 110 4.49 -15.25 -7.07
N ASN A 111 5.68 -15.53 -6.55
CA ASN A 111 5.96 -15.26 -5.15
C ASN A 111 6.84 -14.01 -5.06
N ALA A 112 7.25 -13.63 -3.86
CA ALA A 112 8.06 -12.43 -3.66
C ALA A 112 9.44 -12.48 -4.33
N ALA A 113 9.92 -13.67 -4.66
CA ALA A 113 11.23 -13.80 -5.31
C ALA A 113 11.05 -13.83 -6.82
N GLY A 114 9.82 -13.58 -7.26
CA GLY A 114 9.51 -13.60 -8.69
C GLY A 114 9.85 -12.39 -9.55
N LYS A 115 9.48 -12.49 -10.82
CA LYS A 115 9.74 -11.44 -11.83
C LYS A 115 9.07 -10.10 -11.56
N ALA A 116 7.79 -10.15 -11.24
CA ALA A 116 7.02 -8.92 -10.98
C ALA A 116 7.61 -8.09 -9.83
N ALA A 117 7.92 -8.74 -8.72
CA ALA A 117 8.48 -8.05 -7.56
C ALA A 117 9.78 -7.37 -7.95
N ALA A 118 10.62 -8.09 -8.69
CA ALA A 118 11.91 -7.52 -9.12
C ALA A 118 11.71 -6.34 -10.08
N TRP A 119 10.73 -6.46 -10.96
CA TRP A 119 10.42 -5.40 -11.93
C TRP A 119 10.02 -4.13 -11.19
N VAL A 120 9.19 -4.30 -10.16
CA VAL A 120 8.75 -3.17 -9.36
C VAL A 120 9.95 -2.50 -8.70
N GLN A 121 10.87 -3.32 -8.20
CA GLN A 121 12.09 -2.81 -7.59
C GLN A 121 12.88 -1.96 -8.57
N ARG A 122 13.13 -2.50 -9.76
CA ARG A 122 13.90 -1.78 -10.78
C ARG A 122 13.24 -0.50 -11.25
N ILE A 123 11.93 -0.55 -11.47
CA ILE A 123 11.20 0.61 -11.96
C ILE A 123 10.96 1.71 -10.94
N GLU A 124 10.36 1.35 -9.80
CA GLU A 124 10.03 2.35 -8.79
C GLU A 124 11.18 2.90 -7.94
N PHE A 125 11.97 2.03 -7.33
CA PHE A 125 13.06 2.51 -6.50
C PHE A 125 14.26 3.01 -7.30
N ALA A 126 14.73 2.20 -8.25
CA ALA A 126 15.89 2.57 -9.05
C ALA A 126 15.63 3.59 -10.16
N ARG A 127 14.79 3.24 -11.10
CA ARG A 127 14.50 4.13 -12.22
C ARG A 127 13.74 5.42 -11.90
N LEU A 128 12.62 5.30 -11.19
CA LEU A 128 11.83 6.47 -10.85
C LEU A 128 12.32 7.25 -9.63
N GLY A 129 13.26 6.66 -8.90
CA GLY A 129 13.83 7.34 -7.75
C GLY A 129 13.00 7.45 -6.48
N LEU A 130 12.00 6.59 -6.31
CA LEU A 130 11.21 6.64 -5.08
C LEU A 130 12.11 6.18 -3.94
N PRO A 131 12.10 6.92 -2.82
CA PRO A 131 12.94 6.51 -1.70
C PRO A 131 12.47 5.24 -1.02
N LYS A 132 13.39 4.41 -0.57
CA LYS A 132 13.01 3.19 0.12
C LYS A 132 12.62 3.61 1.53
N PRO A 133 11.51 3.06 2.05
CA PRO A 133 11.06 3.41 3.39
C PRO A 133 11.96 2.86 4.50
N ASP A 134 12.01 3.56 5.62
CA ASP A 134 12.80 3.11 6.76
C ASP A 134 12.11 1.88 7.33
N TRP A 135 10.78 1.91 7.31
CA TRP A 135 9.97 0.82 7.81
C TRP A 135 8.78 0.54 6.91
N GLN A 136 8.40 -0.73 6.84
CA GLN A 136 7.23 -1.16 6.08
C GLN A 136 6.46 -2.05 7.06
N VAL A 137 5.29 -1.57 7.47
CA VAL A 137 4.47 -2.30 8.43
C VAL A 137 3.35 -3.06 7.76
N LEU A 138 3.44 -4.38 7.81
CA LEU A 138 2.40 -5.21 7.22
C LEU A 138 1.32 -5.45 8.25
N LEU A 139 0.12 -4.96 7.95
CA LEU A 139 -1.01 -5.18 8.85
C LEU A 139 -1.65 -6.45 8.30
N ALA A 140 -1.26 -7.57 8.90
CA ALA A 140 -1.75 -8.88 8.49
C ALA A 140 -3.13 -9.16 9.06
N VAL A 141 -4.00 -9.73 8.22
CA VAL A 141 -5.36 -10.05 8.62
C VAL A 141 -5.82 -11.27 7.81
N SER A 142 -6.80 -11.99 8.31
CA SER A 142 -7.29 -13.15 7.57
C SER A 142 -7.96 -12.64 6.31
N ALA A 143 -7.81 -13.38 5.20
CA ALA A 143 -8.41 -12.98 3.94
C ALA A 143 -9.93 -12.84 4.07
N GLU A 144 -10.53 -13.71 4.88
CA GLU A 144 -11.97 -13.69 5.09
C GLU A 144 -12.44 -12.39 5.73
N LEU A 145 -11.79 -12.01 6.84
CA LEU A 145 -12.17 -10.78 7.53
C LEU A 145 -11.94 -9.55 6.66
N ALA A 146 -10.81 -9.49 5.96
CA ALA A 146 -10.52 -8.35 5.10
C ALA A 146 -11.60 -8.23 4.03
N GLY A 147 -11.96 -9.36 3.44
CA GLY A 147 -12.99 -9.37 2.42
C GLY A 147 -14.32 -8.90 2.94
N GLU A 148 -14.68 -9.34 4.15
CA GLU A 148 -15.94 -8.95 4.76
C GLU A 148 -16.01 -7.45 4.95
N ARG A 149 -14.86 -6.82 5.21
CA ARG A 149 -14.80 -5.39 5.40
C ARG A 149 -14.97 -4.66 4.07
N SER A 150 -14.32 -5.17 3.02
CA SER A 150 -14.43 -4.54 1.70
C SER A 150 -15.87 -4.62 1.22
N ARG A 151 -16.54 -5.74 1.46
CA ARG A 151 -17.91 -5.90 1.05
C ARG A 151 -18.82 -4.97 1.85
N GLY A 152 -18.64 -4.97 3.17
CA GLY A 152 -19.46 -4.12 4.02
C GLY A 152 -19.35 -2.66 3.66
N ARG A 153 -18.16 -2.22 3.27
CA ARG A 153 -17.93 -0.84 2.89
C ARG A 153 -18.75 -0.48 1.65
N ALA A 154 -18.84 -1.42 0.71
CA ALA A 154 -19.59 -1.21 -0.52
C ALA A 154 -21.09 -1.17 -0.26
N GLN A 155 -21.54 -1.92 0.73
CA GLN A 155 -22.96 -1.95 1.06
C GLN A 155 -23.42 -0.66 1.73
N ARG A 156 -22.48 0.08 2.33
CA ARG A 156 -22.82 1.32 3.03
C ARG A 156 -22.49 2.60 2.25
N ASP A 157 -21.59 2.52 1.27
CA ASP A 157 -21.22 3.69 0.49
C ASP A 157 -21.38 3.44 -1.01
N PRO A 158 -22.37 4.10 -1.64
CA PRO A 158 -22.63 3.96 -3.08
C PRO A 158 -21.45 4.38 -3.97
N GLY A 159 -20.65 5.31 -3.47
CA GLY A 159 -19.51 5.74 -4.24
C GLY A 159 -18.29 4.91 -3.87
N ARG A 160 -18.54 3.70 -3.40
CA ARG A 160 -17.47 2.82 -2.98
C ARG A 160 -17.66 1.36 -3.38
N ALA A 161 -18.16 1.11 -4.59
CA ALA A 161 -18.35 -0.25 -5.06
C ALA A 161 -16.95 -0.88 -5.11
N ARG A 162 -16.87 -2.17 -4.83
CA ARG A 162 -15.58 -2.86 -4.85
C ARG A 162 -14.93 -2.81 -6.22
N ASP A 163 -13.60 -2.85 -6.26
CA ASP A 163 -12.91 -2.84 -7.54
C ASP A 163 -12.66 -4.27 -7.99
N ASN A 164 -12.22 -4.46 -9.22
CA ASN A 164 -11.96 -5.79 -9.78
C ASN A 164 -11.14 -6.71 -8.89
N TYR A 165 -10.10 -6.18 -8.25
CA TYR A 165 -9.26 -7.01 -7.38
C TYR A 165 -10.03 -7.47 -6.15
N GLU A 166 -10.82 -6.58 -5.57
CA GLU A 166 -11.61 -6.91 -4.38
C GLU A 166 -12.69 -7.96 -4.65
N ARG A 167 -13.08 -8.08 -5.92
CA ARG A 167 -14.10 -9.05 -6.31
C ARG A 167 -13.46 -10.41 -6.60
N ASP A 168 -12.13 -10.48 -6.46
CA ASP A 168 -11.40 -11.73 -6.70
C ASP A 168 -10.85 -12.21 -5.35
N ALA A 169 -11.61 -13.07 -4.67
CA ALA A 169 -11.22 -13.59 -3.37
C ALA A 169 -9.89 -14.33 -3.37
N GLU A 170 -9.65 -15.15 -4.39
CA GLU A 170 -8.40 -15.88 -4.46
C GLU A 170 -7.21 -14.92 -4.64
N LEU A 171 -7.40 -13.89 -5.44
CA LEU A 171 -6.33 -12.92 -5.65
C LEU A 171 -5.98 -12.26 -4.32
N GLN A 172 -6.99 -11.91 -3.53
CA GLN A 172 -6.75 -11.29 -2.24
C GLN A 172 -5.97 -12.24 -1.35
N GLN A 173 -6.31 -13.53 -1.40
CA GLN A 173 -5.61 -14.53 -0.61
C GLN A 173 -4.15 -14.58 -0.99
N ARG A 174 -3.87 -14.69 -2.29
CA ARG A 174 -2.50 -14.75 -2.79
C ARG A 174 -1.71 -13.49 -2.48
N THR A 175 -2.39 -12.35 -2.49
CA THR A 175 -1.72 -11.08 -2.21
C THR A 175 -1.26 -11.07 -0.76
N GLY A 176 -2.12 -11.57 0.12
CA GLY A 176 -1.75 -11.61 1.52
C GLY A 176 -0.51 -12.48 1.72
N ALA A 177 -0.46 -13.58 0.98
CA ALA A 177 0.67 -14.50 1.07
C ALA A 177 1.95 -13.88 0.54
N VAL A 178 1.85 -13.12 -0.56
CA VAL A 178 3.04 -12.47 -1.10
C VAL A 178 3.54 -11.43 -0.11
N TYR A 179 2.61 -10.72 0.53
CA TYR A 179 3.00 -9.71 1.52
C TYR A 179 3.84 -10.33 2.63
N ALA A 180 3.40 -11.50 3.11
CA ALA A 180 4.12 -12.18 4.19
C ALA A 180 5.52 -12.54 3.73
N GLU A 181 5.67 -12.91 2.46
CA GLU A 181 6.98 -13.27 1.92
C GLU A 181 7.85 -12.03 1.81
N LEU A 182 7.27 -10.94 1.33
CA LEU A 182 8.01 -9.69 1.18
C LEU A 182 8.55 -9.25 2.55
N ALA A 183 7.72 -9.33 3.58
CA ALA A 183 8.14 -8.95 4.93
C ALA A 183 9.29 -9.83 5.42
N ALA A 184 9.16 -11.14 5.26
CA ALA A 184 10.20 -12.06 5.72
C ALA A 184 11.51 -11.83 4.97
N GLN A 185 11.40 -11.38 3.73
CA GLN A 185 12.54 -11.13 2.85
C GLN A 185 13.17 -9.76 3.11
N GLY A 186 12.43 -8.87 3.78
CA GLY A 186 12.94 -7.53 4.01
C GLY A 186 13.00 -6.77 2.69
N TRP A 187 12.02 -7.04 1.83
CA TRP A 187 11.94 -6.40 0.51
C TRP A 187 11.82 -4.88 0.61
N GLY A 188 12.79 -4.18 0.03
CA GLY A 188 12.79 -2.72 0.03
C GLY A 188 13.16 -2.07 1.35
N GLY A 189 13.48 -2.86 2.36
CA GLY A 189 13.84 -2.30 3.66
C GLY A 189 13.28 -3.19 4.76
N ARG A 190 13.49 -2.83 6.02
CA ARG A 190 12.98 -3.69 7.08
C ARG A 190 11.48 -3.55 7.29
N TRP A 191 10.87 -4.67 7.66
CA TRP A 191 9.44 -4.74 7.88
C TRP A 191 9.13 -5.13 9.30
N LEU A 192 7.86 -4.98 9.65
CA LEU A 192 7.31 -5.37 10.94
C LEU A 192 5.95 -5.93 10.56
N VAL A 193 5.57 -7.05 11.13
CA VAL A 193 4.27 -7.63 10.83
C VAL A 193 3.44 -7.50 12.09
N VAL A 194 2.28 -6.86 11.98
CA VAL A 194 1.43 -6.67 13.15
C VAL A 194 -0.02 -7.03 12.84
N GLY A 195 -0.84 -7.07 13.90
CA GLY A 195 -2.24 -7.39 13.75
C GLY A 195 -3.08 -6.19 14.13
N ALA A 196 -4.40 -6.30 13.94
CA ALA A 196 -5.31 -5.21 14.25
C ALA A 196 -5.31 -4.84 15.74
N ASP A 197 -4.83 -5.76 16.57
CA ASP A 197 -4.79 -5.53 18.02
C ASP A 197 -3.50 -4.86 18.50
N VAL A 198 -2.59 -4.57 17.58
CA VAL A 198 -1.31 -3.95 17.94
C VAL A 198 -1.49 -2.67 18.75
N ASP A 199 -0.60 -2.44 19.72
CA ASP A 199 -0.67 -1.24 20.54
C ASP A 199 0.04 -0.08 19.86
N PRO A 200 -0.70 0.99 19.53
CA PRO A 200 -0.16 2.18 18.88
C PRO A 200 1.05 2.77 19.60
N GLY A 201 0.95 2.85 20.93
CA GLY A 201 2.03 3.39 21.71
C GLY A 201 3.33 2.62 21.54
N ARG A 202 3.25 1.29 21.66
CA ARG A 202 4.43 0.46 21.52
C ARG A 202 4.92 0.39 20.07
N LEU A 203 3.99 0.31 19.13
CA LEU A 203 4.38 0.26 17.72
C LEU A 203 5.15 1.54 17.36
N ALA A 204 4.66 2.67 17.84
CA ALA A 204 5.30 3.96 17.58
C ALA A 204 6.69 4.02 18.20
N ALA A 205 6.81 3.41 19.38
CA ALA A 205 8.08 3.38 20.09
C ALA A 205 9.08 2.55 19.28
N THR A 206 8.60 1.45 18.72
CA THR A 206 9.44 0.57 17.91
C THR A 206 9.93 1.29 16.65
N LEU A 207 9.02 2.02 16.01
CA LEU A 207 9.35 2.74 14.78
C LEU A 207 10.18 3.99 15.01
N ALA A 208 10.01 4.63 16.16
CA ALA A 208 10.77 5.83 16.49
C ALA A 208 12.01 5.45 17.31
S SO4 B . -7.94 -0.39 4.64
O1 SO4 B . -7.70 1.06 4.80
O2 SO4 B . -6.66 -1.11 4.68
O3 SO4 B . -8.80 -0.86 5.73
O4 SO4 B . -8.59 -0.65 3.35
S SO4 C . -20.33 -4.56 -4.35
O1 SO4 C . -21.64 -4.08 -3.85
O2 SO4 C . -19.54 -5.06 -3.22
O3 SO4 C . -20.55 -5.66 -5.31
O4 SO4 C . -19.62 -3.45 -5.01
CAC FLC D . -8.01 -0.77 4.77
CA FLC D . -8.10 0.78 4.92
CB FLC D . -7.90 1.75 3.69
CBC FLC D . -6.53 2.43 3.85
CG FLC D . -9.07 2.78 3.64
CGC FLC D . -9.22 3.53 2.33
OA1 FLC D . -7.75 -1.24 3.80
OA2 FLC D . -8.25 -1.28 5.82
OB1 FLC D . -6.07 2.53 5.04
OB2 FLC D . -5.95 2.86 2.81
OG1 FLC D . -10.10 4.53 2.38
OG2 FLC D . -8.65 3.32 1.29
OHB FLC D . -7.93 1.02 2.43
P TMP E . -6.90 1.25 -2.72
O1P TMP E . -5.91 1.35 -1.48
O2P TMP E . -8.13 0.12 -2.41
O3P TMP E . -7.60 2.73 -3.04
O5' TMP E . -6.06 0.77 -3.97
C5' TMP E . -6.65 0.65 -5.24
C4' TMP E . -6.49 -0.79 -5.82
O4' TMP E . -5.25 -1.08 -6.50
C3' TMP E . -6.54 -2.11 -4.98
O3' TMP E . -7.15 -3.35 -5.56
C2' TMP E . -5.10 -2.06 -4.47
C1' TMP E . -4.33 -1.88 -5.75
N1 TMP E . -3.05 -1.16 -5.75
C2 TMP E . -2.07 -1.74 -6.53
O2 TMP E . -2.30 -2.82 -7.20
N3 TMP E . -0.82 -1.18 -6.61
C4 TMP E . -0.56 -0.04 -5.92
O4 TMP E . 0.65 0.49 -6.02
C5 TMP E . -1.53 0.57 -5.12
C5M TMP E . -1.18 1.84 -4.39
C6 TMP E . -2.81 -0.02 -5.05
PG ATP F . 5.93 20.90 -2.90
O1G ATP F . 6.82 20.75 -4.09
O2G ATP F . 4.98 19.79 -2.70
O3G ATP F . 6.74 21.14 -1.67
PB ATP F . 3.88 22.64 -4.09
O1B ATP F . 3.34 23.96 -3.92
O2B ATP F . 3.55 21.81 -5.23
O3B ATP F . 5.00 22.19 -3.04
PA ATP F . 1.22 22.10 -2.88
O1A ATP F . 0.40 21.01 -3.34
O2A ATP F . 0.64 23.34 -2.34
O3A ATP F . 2.77 22.02 -3.02
O5' ATP F . 1.27 21.27 -1.71
C5' ATP F . 1.62 20.96 -0.55
C4' ATP F . 1.45 20.78 0.90
O4' ATP F . 0.45 19.73 1.03
C3' ATP F . 2.82 20.29 1.10
O3' ATP F . 3.44 20.74 2.29
C2' ATP F . 2.67 18.75 0.94
O2' ATP F . 3.46 18.09 1.89
C1' ATP F . 1.14 18.44 1.13
N9 ATP F . 0.52 17.53 0.13
C8 ATP F . 0.43 17.59 -1.27
N7 ATP F . -0.22 16.59 -1.80
C5 ATP F . -0.58 15.85 -0.69
C6 ATP F . -1.31 14.62 -0.51
N6 ATP F . -1.82 13.94 -1.53
N1 ATP F . -1.51 14.13 0.77
C2 ATP F . -1.02 14.78 1.83
N3 ATP F . -0.32 15.94 1.81
C4 ATP F . -0.13 16.42 0.48
#